data_4X2H
#
_entry.id   4X2H
#
_cell.length_a   53.019
_cell.length_b   74.195
_cell.length_c   54.816
_cell.angle_alpha   90.00
_cell.angle_beta   112.87
_cell.angle_gamma   90.00
#
_symmetry.space_group_name_H-M   'P 1 21 1'
#
loop_
_entity.id
_entity.type
_entity.pdbx_description
1 polymer 'Putative mRNA export protein'
2 polymer 'Putative uncharacterized protein'
3 polymer SER-SER-VAL-PHE-GLY-ALA-PRO-ALA
4 water water
#
loop_
_entity_poly.entity_id
_entity_poly.type
_entity_poly.pdbx_seq_one_letter_code
_entity_poly.pdbx_strand_id
1 'polypeptide(L)'
;SPTPLPQLPSNVRDGENNVASTFLQAFFQLWDHDRLTLIPQFYDSETTFSVVFATDSPQDPASSSCSKFSRNLNILSPRH
PSTLQRLFVGSNLIADLWKVLPATRHPSLDQTSQWLIDCHTFPHLADPTGMAPYAMGLMINVNGQCEEADISQNLYGTRT
FSRCFILGPSKPGAPHPYRVLSDQLTLHTWKPQ
;
A
2 'polypeptide(L)'
;MLSRRYAAKSFVEWYYRQINENKPVASGYVNNNATYTKAGHPPADITINGRVVATPEEWDTMLKEQRAQHNTSSSSTLPI
GRKPVRYDVDCFDVHVINADYRFAAPQRMIEQHAPTDGVRMMMALTVSGSVYFGASPRSTDDYVIKQHFNDVFILVPNWD
VLEKPGARSGRKYLIASHKYRAY
;
B
3 'polypeptide(L)' MMAPANNPFGAPPAQVNNPF C
#
# COMPACT_ATOMS: atom_id res chain seq x y z
N PRO A 2 1.40 -28.10 0.86
CA PRO A 2 1.21 -26.75 1.39
C PRO A 2 -0.26 -26.33 1.43
N THR A 3 -0.63 -25.50 2.41
CA THR A 3 -2.01 -25.05 2.58
C THR A 3 -2.03 -23.52 2.67
N PRO A 4 -2.65 -22.85 1.68
CA PRO A 4 -2.72 -21.39 1.75
C PRO A 4 -3.28 -20.88 3.07
N LEU A 5 -2.72 -19.76 3.54
CA LEU A 5 -3.16 -19.11 4.77
C LEU A 5 -4.68 -18.96 4.81
N PRO A 6 -5.31 -19.24 5.97
CA PRO A 6 -6.76 -19.04 6.08
C PRO A 6 -7.19 -17.63 5.66
N GLN A 7 -8.33 -17.52 4.99
CA GLN A 7 -8.85 -16.24 4.54
C GLN A 7 -10.05 -15.84 5.40
N LEU A 8 -9.92 -14.70 6.07
CA LEU A 8 -10.99 -14.19 6.92
C LEU A 8 -11.61 -12.96 6.28
N PRO A 9 -12.79 -12.55 6.76
CA PRO A 9 -13.46 -11.36 6.20
C PRO A 9 -12.72 -10.07 6.54
N SER A 10 -13.23 -8.96 6.00
CA SER A 10 -12.75 -7.63 6.29
C SER A 10 -12.49 -7.40 7.79
N ASN A 11 -11.35 -6.78 8.09
CA ASN A 11 -10.96 -6.48 9.46
C ASN A 11 -10.90 -4.97 9.66
N VAL A 12 -11.99 -4.40 10.18
CA VAL A 12 -12.16 -2.96 10.27
C VAL A 12 -11.94 -2.45 11.69
N ARG A 13 -10.81 -1.78 11.90
CA ARG A 13 -10.44 -1.24 13.20
C ARG A 13 -10.13 0.24 13.10
N ASP A 14 -11.09 1.05 12.68
CA ASP A 14 -10.84 2.45 12.36
C ASP A 14 -11.21 3.42 13.47
N GLY A 15 -11.46 2.91 14.67
CA GLY A 15 -11.67 3.79 15.81
C GLY A 15 -13.08 4.30 15.97
N GLU A 16 -13.26 5.19 16.94
CA GLU A 16 -14.58 5.62 17.40
C GLU A 16 -15.44 6.29 16.33
N ASN A 17 -14.84 7.15 15.51
CA ASN A 17 -15.60 7.97 14.58
C ASN A 17 -16.00 7.28 13.27
N ASN A 18 -15.59 6.01 13.11
CA ASN A 18 -15.97 5.21 11.94
C ASN A 18 -15.66 5.90 10.60
N VAL A 19 -14.53 6.62 10.54
CA VAL A 19 -14.18 7.36 9.33
C VAL A 19 -14.06 6.46 8.11
N ALA A 20 -13.56 5.24 8.30
CA ALA A 20 -13.35 4.34 7.17
C ALA A 20 -14.68 4.02 6.49
N SER A 21 -15.73 3.86 7.29
CA SER A 21 -17.05 3.58 6.74
C SER A 21 -17.60 4.81 6.03
N THR A 22 -17.51 5.96 6.68
CA THR A 22 -18.05 7.20 6.12
C THR A 22 -17.30 7.59 4.86
N PHE A 23 -15.97 7.54 4.91
CA PHE A 23 -15.14 7.84 3.75
C PHE A 23 -15.41 6.90 2.58
N LEU A 24 -15.33 5.59 2.83
CA LEU A 24 -15.46 4.62 1.74
C LEU A 24 -16.85 4.63 1.12
N GLN A 25 -17.87 4.85 1.94
CA GLN A 25 -19.23 4.99 1.43
C GLN A 25 -19.27 6.11 0.40
N ALA A 26 -18.76 7.27 0.79
CA ALA A 26 -18.73 8.42 -0.09
C ALA A 26 -17.85 8.19 -1.31
N PHE A 27 -16.70 7.55 -1.10
CA PHE A 27 -15.69 7.45 -2.15
C PHE A 27 -16.17 6.63 -3.35
N PHE A 28 -16.64 5.41 -3.10
CA PHE A 28 -16.97 4.52 -4.21
C PHE A 28 -18.29 4.92 -4.88
N GLN A 29 -19.17 5.55 -4.13
CA GLN A 29 -20.37 6.14 -4.70
C GLN A 29 -19.99 7.23 -5.71
N LEU A 30 -19.14 8.15 -5.27
CA LEU A 30 -18.74 9.28 -6.11
C LEU A 30 -17.76 8.86 -7.20
N TRP A 31 -16.96 7.83 -6.92
CA TRP A 31 -15.99 7.36 -7.91
C TRP A 31 -16.72 6.91 -9.18
N ASP A 32 -17.89 6.32 -9.00
CA ASP A 32 -18.67 5.82 -10.13
C ASP A 32 -19.44 6.93 -10.85
N HIS A 33 -19.95 7.90 -10.11
CA HIS A 33 -20.96 8.82 -10.64
C HIS A 33 -20.47 10.25 -10.84
N ASP A 34 -19.64 10.73 -9.91
CA ASP A 34 -19.12 12.09 -10.00
C ASP A 34 -17.74 12.15 -9.37
N ARG A 35 -16.81 11.49 -10.04
CA ARG A 35 -15.46 11.25 -9.56
C ARG A 35 -14.71 12.48 -9.06
N LEU A 36 -14.77 13.57 -9.83
CA LEU A 36 -13.92 14.73 -9.57
C LEU A 36 -14.31 15.52 -8.32
N THR A 37 -15.53 15.31 -7.82
CA THR A 37 -15.95 16.04 -6.62
C THR A 37 -15.25 15.53 -5.37
N LEU A 38 -14.68 14.33 -5.45
CA LEU A 38 -13.91 13.78 -4.33
C LEU A 38 -12.68 14.63 -4.05
N ILE A 39 -12.16 15.29 -5.08
CA ILE A 39 -10.89 16.00 -4.97
C ILE A 39 -10.99 17.18 -4.00
N PRO A 40 -11.97 18.09 -4.22
CA PRO A 40 -12.09 19.19 -3.25
C PRO A 40 -12.50 18.73 -1.85
N GLN A 41 -13.17 17.58 -1.74
CA GLN A 41 -13.65 17.12 -0.45
C GLN A 41 -12.54 16.50 0.42
N PHE A 42 -11.63 15.74 -0.19
CA PHE A 42 -10.68 14.93 0.60
C PHE A 42 -9.22 15.04 0.16
N TYR A 43 -8.97 15.65 -0.99
CA TYR A 43 -7.61 15.74 -1.53
C TYR A 43 -7.11 17.18 -1.41
N ASP A 44 -5.79 17.34 -1.36
CA ASP A 44 -5.20 18.68 -1.36
C ASP A 44 -3.88 18.71 -2.11
N SER A 45 -3.18 19.84 -2.00
CA SER A 45 -1.97 20.08 -2.78
C SER A 45 -0.86 19.07 -2.47
N GLU A 46 -0.96 18.40 -1.32
CA GLU A 46 0.07 17.47 -0.88
C GLU A 46 -0.27 16.01 -1.15
N THR A 47 -1.50 15.73 -1.57
CA THR A 47 -1.91 14.33 -1.78
C THR A 47 -1.15 13.68 -2.92
N THR A 48 -0.71 12.44 -2.68
CA THR A 48 0.00 11.67 -3.70
C THR A 48 -0.88 10.53 -4.21
N PHE A 49 -0.89 10.37 -5.53
CA PHE A 49 -1.67 9.33 -6.18
C PHE A 49 -0.81 8.53 -7.16
N SER A 50 -1.02 7.22 -7.18
CA SER A 50 -0.36 6.33 -8.14
C SER A 50 -1.34 5.29 -8.68
N VAL A 51 -1.19 4.96 -9.97
CA VAL A 51 -1.83 3.79 -10.56
C VAL A 51 -0.74 2.85 -11.04
N VAL A 52 -0.82 1.59 -10.61
CA VAL A 52 0.12 0.58 -11.05
C VAL A 52 -0.63 -0.64 -11.56
N PHE A 53 0.00 -1.35 -12.48
CA PHE A 53 -0.60 -2.52 -13.11
C PHE A 53 0.11 -3.79 -12.68
N ALA A 54 -0.66 -4.74 -12.13
CA ALA A 54 -0.12 -5.99 -11.61
C ALA A 54 -0.13 -7.09 -12.65
N THR A 55 -0.79 -6.83 -13.78
CA THR A 55 -0.88 -7.82 -14.85
C THR A 55 -0.98 -7.12 -16.20
N ASP A 56 -0.94 -7.91 -17.27
CA ASP A 56 -1.00 -7.39 -18.63
C ASP A 56 -2.20 -7.97 -19.37
N SER A 57 -3.40 -7.61 -18.91
CA SER A 57 -4.63 -8.07 -19.54
C SER A 57 -4.73 -7.52 -20.96
N PRO A 58 -5.17 -8.35 -21.92
CA PRO A 58 -5.36 -7.81 -23.27
C PRO A 58 -6.47 -6.77 -23.33
N GLN A 59 -6.26 -5.72 -24.13
CA GLN A 59 -7.27 -4.68 -24.32
C GLN A 59 -7.66 -4.03 -22.99
N ASP A 60 -6.71 -4.00 -22.06
CA ASP A 60 -6.91 -3.34 -20.77
C ASP A 60 -7.27 -1.87 -20.98
N PRO A 61 -8.53 -1.49 -20.67
CA PRO A 61 -8.96 -0.12 -20.98
C PRO A 61 -8.24 0.94 -20.15
N ALA A 62 -7.93 0.65 -18.90
CA ALA A 62 -7.22 1.60 -18.05
C ALA A 62 -5.80 1.80 -18.54
N SER A 63 -5.19 0.73 -19.04
CA SER A 63 -3.83 0.79 -19.56
C SER A 63 -3.77 1.73 -20.76
N SER A 64 -4.76 1.62 -21.64
CA SER A 64 -4.84 2.50 -22.80
C SER A 64 -4.98 3.96 -22.38
N SER A 65 -5.88 4.23 -21.45
CA SER A 65 -6.14 5.60 -21.02
C SER A 65 -4.94 6.20 -20.29
N CYS A 66 -4.25 5.36 -19.52
CA CYS A 66 -3.04 5.80 -18.82
C CYS A 66 -1.92 6.13 -19.80
N SER A 67 -1.78 5.32 -20.85
CA SER A 67 -0.77 5.57 -21.86
C SER A 67 -1.05 6.87 -22.62
N LYS A 68 -2.32 7.12 -22.89
CA LYS A 68 -2.71 8.36 -23.57
C LYS A 68 -2.44 9.56 -22.67
N PHE A 69 -2.70 9.38 -21.37
CA PHE A 69 -2.46 10.44 -20.41
C PHE A 69 -0.98 10.78 -20.35
N SER A 70 -0.15 9.75 -20.27
CA SER A 70 1.30 9.93 -20.19
C SER A 70 1.83 10.60 -21.45
N ARG A 71 1.31 10.20 -22.61
CA ARG A 71 1.70 10.81 -23.87
C ARG A 71 1.37 12.31 -23.85
N ASN A 72 0.13 12.62 -23.51
CA ASN A 72 -0.34 14.00 -23.52
C ASN A 72 0.42 14.86 -22.52
N LEU A 73 0.83 14.26 -21.40
CA LEU A 73 1.59 14.97 -20.39
C LEU A 73 2.97 15.35 -20.93
N ASN A 74 3.58 14.45 -21.70
CA ASN A 74 4.87 14.73 -22.32
C ASN A 74 4.75 15.84 -23.37
N ILE A 75 3.61 15.87 -24.06
CA ILE A 75 3.37 16.90 -25.07
C ILE A 75 3.23 18.27 -24.42
N LEU A 76 2.51 18.33 -23.30
CA LEU A 76 2.18 19.60 -22.66
C LEU A 76 3.16 20.02 -21.57
N SER A 77 3.76 19.04 -20.89
CA SER A 77 4.65 19.30 -19.76
C SER A 77 5.83 18.33 -19.80
N PRO A 78 6.73 18.51 -20.79
CA PRO A 78 7.79 17.54 -21.11
C PRO A 78 8.75 17.21 -19.97
N ARG A 79 9.03 18.16 -19.08
CA ARG A 79 9.98 17.93 -18.00
C ARG A 79 9.28 17.79 -16.66
N HIS A 80 8.08 17.22 -16.69
CA HIS A 80 7.34 16.94 -15.48
C HIS A 80 7.99 15.78 -14.72
N PRO A 81 8.09 15.88 -13.39
CA PRO A 81 8.82 14.86 -12.63
C PRO A 81 8.12 13.50 -12.54
N SER A 82 6.95 13.36 -13.15
CA SER A 82 6.22 12.09 -13.11
C SER A 82 7.00 10.97 -13.79
N THR A 83 7.90 11.34 -14.70
CA THR A 83 8.66 10.37 -15.47
C THR A 83 9.54 9.49 -14.56
N LEU A 84 10.24 10.11 -13.61
CA LEU A 84 11.15 9.38 -12.74
C LEU A 84 10.58 9.16 -11.34
N GLN A 85 9.64 10.00 -10.91
CA GLN A 85 9.04 9.84 -9.59
C GLN A 85 7.97 8.74 -9.59
N ARG A 86 7.33 8.55 -10.73
CA ARG A 86 6.32 7.49 -10.89
C ARG A 86 5.12 7.69 -9.97
N LEU A 87 4.67 8.94 -9.85
CA LEU A 87 3.50 9.26 -9.06
C LEU A 87 3.03 10.67 -9.40
N PHE A 88 1.78 10.99 -9.03
CA PHE A 88 1.21 12.30 -9.30
C PHE A 88 0.84 12.99 -7.99
N VAL A 89 1.24 14.26 -7.88
CA VAL A 89 1.05 15.02 -6.64
C VAL A 89 0.09 16.18 -6.87
N GLY A 90 -0.88 16.31 -5.97
CA GLY A 90 -1.75 17.48 -5.95
C GLY A 90 -3.07 17.28 -6.66
N SER A 91 -4.08 17.97 -6.14
CA SER A 91 -5.43 17.92 -6.66
C SER A 91 -5.54 18.13 -8.16
N ASN A 92 -4.78 19.09 -8.68
CA ASN A 92 -4.89 19.49 -10.09
C ASN A 92 -4.50 18.37 -11.06
N LEU A 93 -3.33 17.79 -10.87
CA LEU A 93 -2.85 16.75 -11.79
C LEU A 93 -3.61 15.44 -11.57
N ILE A 94 -3.95 15.14 -10.33
CA ILE A 94 -4.74 13.96 -10.02
C ILE A 94 -6.09 14.01 -10.74
N ALA A 95 -6.68 15.20 -10.80
CA ALA A 95 -7.98 15.36 -11.45
C ALA A 95 -7.91 15.03 -12.94
N ASP A 96 -6.86 15.50 -13.60
CA ASP A 96 -6.68 15.26 -15.03
C ASP A 96 -6.59 13.77 -15.33
N LEU A 97 -5.87 13.03 -14.49
CA LEU A 97 -5.73 11.59 -14.69
C LEU A 97 -7.04 10.86 -14.39
N TRP A 98 -7.69 11.25 -13.30
CA TRP A 98 -8.97 10.64 -12.92
C TRP A 98 -10.01 10.80 -14.02
N LYS A 99 -9.92 11.90 -14.77
CA LYS A 99 -10.87 12.17 -15.84
C LYS A 99 -10.81 11.15 -16.96
N VAL A 100 -9.61 10.62 -17.24
CA VAL A 100 -9.44 9.70 -18.37
C VAL A 100 -9.50 8.23 -17.96
N LEU A 101 -9.39 7.95 -16.67
CA LEU A 101 -9.52 6.57 -16.21
C LEU A 101 -10.95 6.09 -16.50
N PRO A 102 -11.10 4.80 -16.86
CA PRO A 102 -12.41 4.32 -17.32
C PRO A 102 -13.53 4.49 -16.31
N ALA A 103 -14.75 4.65 -16.81
CA ALA A 103 -15.93 4.68 -15.97
C ALA A 103 -16.08 3.33 -15.30
N THR A 104 -16.68 3.31 -14.11
CA THR A 104 -16.79 2.09 -13.32
C THR A 104 -18.13 1.97 -12.61
N ARG A 105 -18.45 0.75 -12.20
CA ARG A 105 -19.59 0.48 -11.34
C ARG A 105 -19.13 -0.50 -10.26
N HIS A 106 -19.08 -0.01 -9.02
CA HIS A 106 -18.67 -0.85 -7.90
C HIS A 106 -19.89 -1.48 -7.25
N PRO A 107 -19.74 -2.69 -6.70
CA PRO A 107 -20.86 -3.26 -5.95
C PRO A 107 -21.10 -2.44 -4.68
N SER A 108 -22.29 -2.56 -4.10
CA SER A 108 -22.59 -1.87 -2.85
C SER A 108 -21.68 -2.39 -1.74
N LEU A 109 -21.31 -1.51 -0.81
CA LEU A 109 -20.55 -1.93 0.36
C LEU A 109 -21.38 -2.86 1.24
N ASP A 110 -22.69 -2.88 1.01
CA ASP A 110 -23.59 -3.77 1.72
C ASP A 110 -23.25 -5.23 1.44
N GLN A 111 -22.79 -5.53 0.23
CA GLN A 111 -22.39 -6.89 -0.12
C GLN A 111 -21.01 -7.17 0.46
N THR A 112 -20.98 -7.49 1.75
CA THR A 112 -19.74 -7.66 2.49
C THR A 112 -18.78 -8.68 1.86
N SER A 113 -19.34 -9.76 1.33
CA SER A 113 -18.52 -10.82 0.74
C SER A 113 -17.83 -10.39 -0.54
N GLN A 114 -18.27 -9.28 -1.12
CA GLN A 114 -17.70 -8.76 -2.36
C GLN A 114 -16.49 -7.87 -2.10
N TRP A 115 -16.24 -7.59 -0.82
CA TRP A 115 -15.17 -6.67 -0.43
C TRP A 115 -14.23 -7.28 0.59
N LEU A 116 -12.94 -6.97 0.45
CA LEU A 116 -11.97 -7.25 1.49
C LEU A 116 -11.36 -5.91 1.91
N ILE A 117 -11.82 -5.41 3.05
CA ILE A 117 -11.41 -4.11 3.54
C ILE A 117 -10.79 -4.25 4.90
N ASP A 118 -9.50 -3.89 4.98
CA ASP A 118 -8.76 -3.95 6.23
C ASP A 118 -8.29 -2.54 6.56
N CYS A 119 -8.47 -2.12 7.81
CA CYS A 119 -8.00 -0.80 8.22
C CYS A 119 -7.61 -0.74 9.69
N HIS A 120 -6.70 0.17 10.00
CA HIS A 120 -6.29 0.41 11.37
C HIS A 120 -5.71 1.82 11.50
N THR A 121 -5.74 2.33 12.72
CA THR A 121 -5.17 3.64 13.01
C THR A 121 -3.72 3.45 13.45
N PHE A 122 -2.85 4.37 13.04
CA PHE A 122 -1.44 4.26 13.33
C PHE A 122 -0.85 5.62 13.70
N PRO A 123 0.23 5.61 14.50
CA PRO A 123 0.81 6.86 15.01
C PRO A 123 1.89 7.48 14.13
N HIS A 124 2.18 8.75 14.42
CA HIS A 124 3.41 9.44 14.04
C HIS A 124 3.42 10.03 12.63
N LEU A 125 2.24 10.38 12.13
CA LEU A 125 2.13 11.32 11.03
C LEU A 125 2.50 12.71 11.55
N ALA A 126 2.74 13.65 10.64
CA ALA A 126 2.94 15.03 11.03
C ALA A 126 1.60 15.72 11.27
N ASP A 127 1.57 16.65 12.20
CA ASP A 127 0.37 17.41 12.49
C ASP A 127 0.32 18.65 11.58
N PRO A 128 -0.65 18.68 10.63
CA PRO A 128 -0.69 19.79 9.67
C PRO A 128 -1.03 21.13 10.31
N THR A 129 -1.54 21.13 11.54
CA THR A 129 -1.86 22.36 12.25
C THR A 129 -0.65 22.87 13.01
N GLY A 130 0.32 21.99 13.24
CA GLY A 130 1.52 22.33 13.96
C GLY A 130 1.32 22.46 15.46
N MET A 131 0.10 22.20 15.93
CA MET A 131 -0.24 22.37 17.34
C MET A 131 0.26 21.21 18.20
N ALA A 132 0.42 20.04 17.59
CA ALA A 132 0.83 18.84 18.31
C ALA A 132 2.10 18.26 17.69
N PRO A 133 2.82 17.41 18.45
CA PRO A 133 4.04 16.82 17.90
C PRO A 133 3.73 15.78 16.82
N TYR A 134 2.62 15.07 16.98
CA TYR A 134 2.25 14.00 16.06
C TYR A 134 0.78 14.02 15.71
N ALA A 135 0.44 13.34 14.62
CA ALA A 135 -0.94 13.11 14.24
C ALA A 135 -1.17 11.61 14.07
N MET A 136 -2.41 11.19 14.24
CA MET A 136 -2.80 9.81 13.99
C MET A 136 -3.18 9.68 12.52
N GLY A 137 -2.88 8.52 11.95
CA GLY A 137 -3.26 8.21 10.59
C GLY A 137 -4.21 7.03 10.55
N LEU A 138 -4.88 6.88 9.42
CA LEU A 138 -5.77 5.75 9.21
C LEU A 138 -5.39 5.09 7.90
N MET A 139 -4.99 3.84 7.97
CA MET A 139 -4.66 3.06 6.79
C MET A 139 -5.88 2.23 6.42
N ILE A 140 -6.32 2.36 5.16
CA ILE A 140 -7.43 1.58 4.64
C ILE A 140 -6.99 0.89 3.36
N ASN A 141 -7.00 -0.44 3.37
CA ASN A 141 -6.67 -1.19 2.16
C ASN A 141 -7.89 -1.95 1.69
N VAL A 142 -8.21 -1.76 0.40
CA VAL A 142 -9.37 -2.38 -0.21
C VAL A 142 -8.94 -3.35 -1.29
N ASN A 143 -9.50 -4.55 -1.27
CA ASN A 143 -9.38 -5.48 -2.38
C ASN A 143 -10.78 -5.86 -2.81
N GLY A 144 -11.05 -5.75 -4.11
CA GLY A 144 -12.37 -6.07 -4.60
C GLY A 144 -12.43 -6.16 -6.10
N GLN A 145 -13.66 -6.09 -6.60
CA GLN A 145 -13.91 -6.09 -8.02
C GLN A 145 -14.88 -4.98 -8.38
N CYS A 146 -14.81 -4.54 -9.62
CA CYS A 146 -15.76 -3.58 -10.14
C CYS A 146 -16.02 -3.85 -11.60
N GLU A 147 -17.12 -3.33 -12.11
CA GLU A 147 -17.33 -3.27 -13.54
C GLU A 147 -16.53 -2.09 -14.06
N GLU A 148 -15.76 -2.31 -15.12
CA GLU A 148 -14.92 -1.26 -15.69
C GLU A 148 -15.17 -1.17 -17.19
N ALA A 149 -15.54 0.02 -17.64
CA ALA A 149 -15.97 0.21 -19.03
C ALA A 149 -14.82 0.09 -20.02
N ASP A 150 -15.11 -0.55 -21.14
CA ASP A 150 -14.23 -0.56 -22.30
C ASP A 150 -14.90 0.24 -23.41
N ILE A 151 -14.44 1.46 -23.65
CA ILE A 151 -15.10 2.34 -24.61
C ILE A 151 -15.04 1.80 -26.03
N SER A 152 -14.06 0.93 -26.32
CA SER A 152 -13.92 0.38 -27.66
C SER A 152 -15.13 -0.49 -28.03
N GLN A 153 -15.79 -1.04 -27.00
CA GLN A 153 -16.96 -1.89 -27.20
C GLN A 153 -18.20 -1.29 -26.54
N ASN A 154 -18.01 -0.24 -25.73
CA ASN A 154 -19.08 0.36 -24.95
C ASN A 154 -19.72 -0.67 -24.04
N LEU A 155 -18.90 -1.54 -23.47
CA LEU A 155 -19.36 -2.58 -22.56
C LEU A 155 -18.49 -2.62 -21.31
N TYR A 156 -19.10 -2.99 -20.19
CA TYR A 156 -18.38 -3.14 -18.94
C TYR A 156 -17.69 -4.51 -18.86
N GLY A 157 -16.42 -4.50 -18.47
CA GLY A 157 -15.70 -5.70 -18.15
C GLY A 157 -15.57 -5.81 -16.63
N THR A 158 -14.93 -6.86 -16.14
CA THR A 158 -14.73 -7.05 -14.70
C THR A 158 -13.27 -6.79 -14.32
N ARG A 159 -13.06 -5.84 -13.42
CA ARG A 159 -11.72 -5.48 -12.95
C ARG A 159 -11.51 -5.94 -11.52
N THR A 160 -10.40 -6.63 -11.27
CA THR A 160 -9.95 -6.91 -9.91
C THR A 160 -8.91 -5.85 -9.54
N PHE A 161 -9.07 -5.24 -8.37
CA PHE A 161 -8.18 -4.14 -7.98
C PHE A 161 -7.86 -4.16 -6.50
N SER A 162 -6.78 -3.44 -6.17
CA SER A 162 -6.46 -3.11 -4.80
C SER A 162 -6.37 -1.60 -4.72
N ARG A 163 -6.73 -1.03 -3.58
CA ARG A 163 -6.58 0.39 -3.39
C ARG A 163 -6.26 0.68 -1.94
N CYS A 164 -5.11 1.32 -1.71
CA CYS A 164 -4.67 1.63 -0.37
C CYS A 164 -4.76 3.13 -0.12
N PHE A 165 -5.54 3.50 0.89
CA PHE A 165 -5.67 4.89 1.33
C PHE A 165 -4.92 5.11 2.62
N ILE A 166 -4.18 6.21 2.70
CA ILE A 166 -3.70 6.71 3.97
C ILE A 166 -4.43 8.01 4.24
N LEU A 167 -5.22 8.04 5.31
CA LEU A 167 -5.91 9.24 5.75
C LEU A 167 -5.23 9.86 6.95
N GLY A 168 -5.33 11.18 7.08
CA GLY A 168 -4.76 11.89 8.21
C GLY A 168 -5.59 13.13 8.48
N PRO A 169 -5.27 13.86 9.56
CA PRO A 169 -6.02 15.09 9.80
C PRO A 169 -5.79 16.10 8.69
N SER A 170 -6.82 16.87 8.36
CA SER A 170 -6.75 17.81 7.26
C SER A 170 -6.05 19.10 7.66
N LYS A 171 -5.73 19.93 6.68
CA LYS A 171 -5.20 21.25 6.95
C LYS A 171 -6.34 22.15 7.43
N PRO A 172 -6.01 23.22 8.17
CA PRO A 172 -7.06 24.13 8.65
C PRO A 172 -7.90 24.70 7.52
N GLY A 173 -9.22 24.74 7.71
CA GLY A 173 -10.13 25.28 6.72
C GLY A 173 -10.61 24.23 5.72
N ALA A 174 -10.24 22.97 5.95
CA ALA A 174 -10.64 21.90 5.03
C ALA A 174 -12.10 21.53 5.23
N PRO A 175 -12.74 20.97 4.19
CA PRO A 175 -14.15 20.57 4.26
C PRO A 175 -14.44 19.50 5.31
N HIS A 176 -13.45 18.67 5.62
CA HIS A 176 -13.62 17.58 6.58
C HIS A 176 -12.45 17.53 7.55
N PRO A 177 -12.63 16.87 8.70
CA PRO A 177 -11.55 16.78 9.69
C PRO A 177 -10.36 15.97 9.20
N TYR A 178 -10.54 15.21 8.13
CA TYR A 178 -9.47 14.37 7.58
C TYR A 178 -9.29 14.60 6.09
N ARG A 179 -8.15 14.14 5.60
CA ARG A 179 -7.77 14.26 4.20
C ARG A 179 -7.11 12.96 3.73
N VAL A 180 -7.07 12.74 2.43
CA VAL A 180 -6.25 11.69 1.86
C VAL A 180 -4.81 12.19 1.68
N LEU A 181 -3.86 11.53 2.34
CA LEU A 181 -2.45 11.80 2.13
C LEU A 181 -1.93 11.03 0.93
N SER A 182 -2.40 9.79 0.81
CA SER A 182 -1.87 8.85 -0.17
C SER A 182 -2.98 7.95 -0.69
N ASP A 183 -2.98 7.75 -2.00
CA ASP A 183 -3.97 6.95 -2.71
C ASP A 183 -3.21 6.11 -3.73
N GLN A 184 -3.13 4.81 -3.49
CA GLN A 184 -2.43 3.90 -4.39
C GLN A 184 -3.39 2.88 -4.96
N LEU A 185 -3.61 2.96 -6.27
CA LEU A 185 -4.53 2.07 -6.97
C LEU A 185 -3.75 1.03 -7.76
N THR A 186 -4.01 -0.24 -7.50
CA THR A 186 -3.39 -1.33 -8.24
C THR A 186 -4.46 -2.04 -9.05
N LEU A 187 -4.26 -2.07 -10.36
CA LEU A 187 -5.19 -2.71 -11.27
C LEU A 187 -4.67 -4.08 -11.66
N HIS A 188 -5.44 -5.11 -11.30
CA HIS A 188 -5.09 -6.47 -11.63
C HIS A 188 -5.88 -6.85 -12.88
N THR A 189 -6.44 -8.05 -12.93
CA THR A 189 -7.01 -8.57 -14.17
C THR A 189 -8.24 -7.79 -14.61
N TRP A 190 -8.32 -7.55 -15.91
CA TRP A 190 -9.53 -7.03 -16.53
C TRP A 190 -10.02 -8.06 -17.53
N LYS A 191 -11.26 -8.51 -17.35
CA LYS A 191 -11.84 -9.52 -18.22
C LYS A 191 -13.14 -9.02 -18.85
N PRO A 192 -13.28 -9.13 -20.18
CA PRO A 192 -14.54 -8.76 -20.80
C PRO A 192 -15.71 -9.62 -20.30
N GLN A 193 -16.88 -9.03 -20.14
CA GLN A 193 -18.07 -9.76 -19.72
C GLN A 193 -18.77 -10.39 -20.92
N LEU B 2 13.07 10.10 -5.26
CA LEU B 2 14.02 9.10 -5.73
C LEU B 2 14.43 8.16 -4.60
N SER B 3 14.75 8.74 -3.46
CA SER B 3 15.21 7.98 -2.30
C SER B 3 14.21 6.89 -1.88
N ARG B 4 12.92 7.21 -1.95
CA ARG B 4 11.87 6.29 -1.53
C ARG B 4 11.84 5.05 -2.40
N ARG B 5 12.20 5.21 -3.67
CA ARG B 5 12.16 4.10 -4.61
C ARG B 5 13.28 3.12 -4.33
N TYR B 6 14.48 3.64 -4.06
CA TYR B 6 15.60 2.77 -3.70
C TYR B 6 15.31 2.03 -2.39
N ALA B 7 14.70 2.73 -1.44
CA ALA B 7 14.37 2.12 -0.15
C ALA B 7 13.32 1.02 -0.33
N ALA B 8 12.32 1.30 -1.15
CA ALA B 8 11.27 0.34 -1.42
C ALA B 8 11.82 -0.88 -2.15
N LYS B 9 12.62 -0.63 -3.18
CA LYS B 9 13.17 -1.71 -4.00
C LYS B 9 14.02 -2.64 -3.14
N SER B 10 14.86 -2.04 -2.30
CA SER B 10 15.73 -2.81 -1.43
C SER B 10 14.92 -3.63 -0.43
N PHE B 11 13.87 -3.04 0.13
CA PHE B 11 13.04 -3.75 1.09
C PHE B 11 12.29 -4.90 0.43
N VAL B 12 11.69 -4.63 -0.71
CA VAL B 12 10.90 -5.65 -1.41
C VAL B 12 11.78 -6.83 -1.80
N GLU B 13 12.97 -6.53 -2.32
CA GLU B 13 13.89 -7.57 -2.74
C GLU B 13 14.28 -8.42 -1.54
N TRP B 14 14.52 -7.77 -0.40
CA TRP B 14 14.94 -8.49 0.81
C TRP B 14 13.80 -9.35 1.36
N TYR B 15 12.64 -8.73 1.56
CA TYR B 15 11.52 -9.36 2.25
C TYR B 15 11.05 -10.65 1.56
N TYR B 16 10.79 -10.58 0.27
CA TYR B 16 10.28 -11.75 -0.43
C TYR B 16 11.37 -12.77 -0.72
N ARG B 17 12.63 -12.35 -0.70
CA ARG B 17 13.73 -13.30 -0.82
C ARG B 17 13.80 -14.16 0.45
N GLN B 18 13.60 -13.56 1.61
CA GLN B 18 13.62 -14.30 2.87
C GLN B 18 12.51 -15.37 2.85
N ILE B 19 11.31 -14.97 2.48
CA ILE B 19 10.18 -15.88 2.48
C ILE B 19 10.45 -17.02 1.52
N ASN B 20 10.88 -16.69 0.30
CA ASN B 20 11.15 -17.71 -0.71
C ASN B 20 12.34 -18.62 -0.38
N GLU B 21 13.22 -18.16 0.51
CA GLU B 21 14.36 -18.99 0.93
C GLU B 21 14.11 -19.61 2.31
N ASN B 22 12.87 -19.56 2.77
CA ASN B 22 12.48 -20.13 4.06
C ASN B 22 13.23 -19.53 5.23
N LYS B 23 13.44 -18.23 5.18
CA LYS B 23 14.13 -17.49 6.23
C LYS B 23 13.16 -16.54 6.92
N PRO B 24 13.45 -16.14 8.16
CA PRO B 24 12.52 -15.27 8.91
C PRO B 24 12.56 -13.82 8.45
N VAL B 25 11.42 -13.14 8.54
CA VAL B 25 11.35 -11.71 8.20
C VAL B 25 11.12 -10.84 9.44
N ALA B 26 11.09 -11.45 10.62
CA ALA B 26 10.79 -10.73 11.86
C ALA B 26 11.77 -9.59 12.13
N SER B 27 13.01 -9.75 11.67
CA SER B 27 14.02 -8.72 11.89
C SER B 27 13.72 -7.44 11.09
N GLY B 28 12.78 -7.53 10.16
CA GLY B 28 12.40 -6.39 9.35
C GLY B 28 11.31 -5.53 9.97
N TYR B 29 10.85 -5.92 11.16
CA TYR B 29 9.78 -5.19 11.86
C TYR B 29 10.33 -4.34 13.00
N VAL B 30 9.54 -3.35 13.43
CA VAL B 30 9.99 -2.43 14.48
C VAL B 30 10.14 -3.11 15.84
N ASN B 31 9.43 -4.21 16.06
CA ASN B 31 9.37 -4.85 17.38
C ASN B 31 10.75 -5.15 17.98
N ASN B 32 11.65 -5.66 17.14
CA ASN B 32 12.96 -6.10 17.63
C ASN B 32 14.05 -5.07 17.33
N ASN B 33 13.67 -3.80 17.34
CA ASN B 33 14.61 -2.70 17.13
C ASN B 33 14.94 -2.03 18.46
N ALA B 34 16.23 -1.80 18.70
CA ALA B 34 16.72 -1.27 19.97
C ALA B 34 16.16 0.11 20.27
N THR B 35 16.25 1.01 19.31
CA THR B 35 15.85 2.39 19.51
C THR B 35 14.33 2.54 19.64
N TYR B 36 13.57 1.86 18.78
CA TYR B 36 12.13 1.96 18.85
C TYR B 36 11.60 1.29 20.12
N THR B 37 12.29 0.25 20.58
CA THR B 37 11.89 -0.43 21.81
C THR B 37 12.11 0.49 23.02
N LYS B 38 13.26 1.15 23.06
CA LYS B 38 13.55 2.10 24.14
C LYS B 38 12.56 3.24 24.13
N ALA B 39 12.16 3.66 22.92
CA ALA B 39 11.25 4.78 22.75
C ALA B 39 9.80 4.38 23.03
N GLY B 40 9.54 3.08 23.16
CA GLY B 40 8.22 2.59 23.46
C GLY B 40 7.30 2.56 22.24
N HIS B 41 7.88 2.30 21.07
CA HIS B 41 7.07 2.15 19.88
C HIS B 41 6.07 1.03 20.08
N PRO B 42 4.82 1.21 19.63
CA PRO B 42 3.89 0.09 19.77
C PRO B 42 4.33 -1.09 18.91
N PRO B 43 3.86 -2.30 19.23
CA PRO B 43 4.17 -3.46 18.39
C PRO B 43 3.73 -3.19 16.96
N ALA B 44 4.42 -3.80 15.98
CA ALA B 44 4.01 -3.65 14.60
C ALA B 44 2.56 -4.11 14.50
N ASP B 45 1.76 -3.39 13.73
CA ASP B 45 0.37 -3.77 13.52
C ASP B 45 0.28 -4.66 12.30
N ILE B 46 -0.01 -5.94 12.53
CA ILE B 46 0.03 -6.96 11.48
C ILE B 46 -1.33 -7.61 11.30
N THR B 47 -1.84 -7.57 10.07
CA THR B 47 -3.09 -8.24 9.72
C THR B 47 -2.81 -9.18 8.56
N ILE B 48 -3.10 -10.46 8.75
CA ILE B 48 -2.83 -11.48 7.73
C ILE B 48 -4.15 -12.10 7.29
N ASN B 49 -4.58 -11.76 6.08
CA ASN B 49 -5.87 -12.20 5.55
C ASN B 49 -6.98 -11.92 6.55
N GLY B 50 -6.90 -10.77 7.21
CA GLY B 50 -7.95 -10.31 8.10
C GLY B 50 -7.79 -10.77 9.54
N ARG B 51 -6.76 -11.56 9.82
CA ARG B 51 -6.46 -11.96 11.18
C ARG B 51 -5.36 -11.07 11.77
N VAL B 52 -5.64 -10.42 12.88
CA VAL B 52 -4.62 -9.61 13.54
C VAL B 52 -3.63 -10.55 14.23
N VAL B 53 -2.36 -10.39 13.90
CA VAL B 53 -1.30 -11.25 14.40
C VAL B 53 -0.44 -10.45 15.37
N ALA B 54 -0.23 -11.00 16.57
CA ALA B 54 0.32 -10.23 17.67
C ALA B 54 1.78 -9.84 17.45
N THR B 55 2.55 -10.72 16.83
CA THR B 55 3.98 -10.50 16.66
C THR B 55 4.51 -10.97 15.30
N PRO B 56 5.62 -10.38 14.85
CA PRO B 56 6.32 -10.81 13.62
C PRO B 56 6.76 -12.27 13.72
N GLU B 57 7.10 -12.71 14.93
CA GLU B 57 7.51 -14.10 15.15
C GLU B 57 6.39 -15.07 14.81
N GLU B 58 5.16 -14.71 15.17
CA GLU B 58 4.02 -15.57 14.87
C GLU B 58 3.78 -15.61 13.36
N TRP B 59 3.92 -14.47 12.71
CA TRP B 59 3.81 -14.39 11.25
C TRP B 59 4.82 -15.30 10.58
N ASP B 60 6.05 -15.32 11.08
CA ASP B 60 7.06 -16.25 10.56
C ASP B 60 6.61 -17.70 10.72
N THR B 61 5.96 -18.00 11.83
CA THR B 61 5.48 -19.36 12.09
C THR B 61 4.34 -19.72 11.13
N MET B 62 3.47 -18.76 10.88
CA MET B 62 2.35 -18.96 9.95
C MET B 62 2.86 -19.24 8.54
N LEU B 63 3.93 -18.54 8.15
CA LEU B 63 4.53 -18.77 6.84
C LEU B 63 5.09 -20.18 6.75
N LYS B 64 5.73 -20.64 7.83
CA LYS B 64 6.24 -22.00 7.90
C LYS B 64 5.11 -23.01 7.76
N GLU B 65 4.02 -22.78 8.47
CA GLU B 65 2.88 -23.69 8.45
C GLU B 65 2.22 -23.72 7.08
N GLN B 66 2.24 -22.58 6.39
CA GLN B 66 1.64 -22.51 5.05
C GLN B 66 2.41 -23.41 4.08
N ARG B 67 3.73 -23.42 4.19
CA ARG B 67 4.56 -24.26 3.33
C ARG B 67 4.77 -25.65 3.93
N ALA B 68 4.13 -25.88 5.08
CA ALA B 68 4.20 -27.18 5.76
C ALA B 68 5.62 -27.52 6.15
N SER B 76 5.25 -34.43 1.00
CA SER B 76 3.99 -33.68 0.96
C SER B 76 2.97 -34.38 0.08
N THR B 77 1.92 -33.67 -0.29
CA THR B 77 0.99 -34.12 -1.32
C THR B 77 1.58 -33.83 -2.70
N LEU B 78 2.82 -33.35 -2.71
CA LEU B 78 3.47 -32.88 -3.93
C LEU B 78 4.42 -33.91 -4.51
N PRO B 79 4.49 -33.99 -5.85
CA PRO B 79 5.51 -34.84 -6.46
C PRO B 79 6.90 -34.25 -6.26
N ILE B 80 7.94 -35.03 -6.48
CA ILE B 80 9.30 -34.52 -6.35
C ILE B 80 9.54 -33.38 -7.34
N GLY B 81 10.39 -32.44 -6.95
CA GLY B 81 10.76 -31.33 -7.82
C GLY B 81 9.85 -30.12 -7.71
N ARG B 82 8.93 -30.15 -6.74
CA ARG B 82 8.01 -29.03 -6.54
C ARG B 82 8.40 -28.24 -5.30
N LYS B 83 8.32 -26.92 -5.43
CA LYS B 83 8.52 -26.00 -4.32
C LYS B 83 7.17 -25.75 -3.66
N PRO B 84 7.06 -25.95 -2.34
CA PRO B 84 5.77 -25.79 -1.67
C PRO B 84 5.10 -24.43 -1.91
N VAL B 85 5.83 -23.33 -1.67
CA VAL B 85 5.26 -21.99 -1.81
C VAL B 85 6.29 -21.05 -2.43
N ARG B 86 5.85 -20.25 -3.41
CA ARG B 86 6.71 -19.26 -4.03
C ARG B 86 5.96 -17.97 -4.28
N TYR B 87 6.52 -16.86 -3.79
CA TYR B 87 5.98 -15.54 -4.06
C TYR B 87 6.72 -14.88 -5.22
N ASP B 88 5.96 -14.41 -6.21
CA ASP B 88 6.49 -13.68 -7.35
C ASP B 88 5.94 -12.27 -7.32
N VAL B 89 6.82 -11.28 -7.18
CA VAL B 89 6.39 -9.89 -7.16
C VAL B 89 6.22 -9.37 -8.59
N ASP B 90 5.06 -8.77 -8.85
CA ASP B 90 4.75 -8.25 -10.18
C ASP B 90 4.85 -6.73 -10.23
N CYS B 91 4.57 -6.07 -9.12
CA CYS B 91 4.70 -4.63 -9.05
C CYS B 91 4.72 -4.12 -7.62
N PHE B 92 5.29 -2.94 -7.44
CA PHE B 92 5.15 -2.24 -6.18
C PHE B 92 5.18 -0.74 -6.40
N ASP B 93 4.70 -0.01 -5.41
CA ASP B 93 4.62 1.44 -5.48
C ASP B 93 4.79 1.99 -4.08
N VAL B 94 5.48 3.10 -3.95
CA VAL B 94 5.73 3.70 -2.64
C VAL B 94 5.46 5.19 -2.65
N HIS B 95 4.81 5.64 -1.58
CA HIS B 95 4.57 7.06 -1.30
C HIS B 95 5.15 7.41 0.06
N VAL B 96 5.71 8.61 0.17
CA VAL B 96 6.12 9.14 1.46
C VAL B 96 4.91 9.81 2.10
N ILE B 97 4.54 9.35 3.29
CA ILE B 97 3.37 9.90 3.99
C ILE B 97 3.80 10.80 5.14
N ASN B 98 5.08 10.75 5.50
CA ASN B 98 5.65 11.75 6.39
C ASN B 98 7.13 11.91 6.11
N ALA B 99 7.46 12.99 5.41
CA ALA B 99 8.85 13.29 5.06
C ALA B 99 9.61 13.89 6.23
N ASP B 100 8.91 14.16 7.33
CA ASP B 100 9.51 14.76 8.52
C ASP B 100 9.31 13.83 9.70
N TYR B 101 9.55 12.54 9.49
CA TYR B 101 9.34 11.55 10.53
C TYR B 101 10.35 11.76 11.65
N ARG B 102 9.86 11.86 12.89
CA ARG B 102 10.71 12.23 14.02
C ARG B 102 10.66 11.27 15.20
N PHE B 103 9.75 10.31 15.19
CA PHE B 103 9.59 9.50 16.39
C PHE B 103 10.83 8.66 16.66
N ALA B 104 11.33 8.79 17.89
CA ALA B 104 12.51 8.07 18.37
C ALA B 104 13.80 8.52 17.67
N ALA B 105 13.71 9.58 16.88
CA ALA B 105 14.83 10.03 16.06
C ALA B 105 15.97 10.60 16.90
N PRO B 106 17.22 10.19 16.62
CA PRO B 106 18.36 10.89 17.21
C PRO B 106 18.32 12.35 16.81
N GLN B 107 18.61 13.25 17.74
CA GLN B 107 18.53 14.68 17.46
C GLN B 107 19.36 15.05 16.23
N ARG B 108 20.52 14.42 16.08
CA ARG B 108 21.43 14.74 14.99
C ARG B 108 20.81 14.44 13.63
N MET B 109 19.93 13.45 13.58
CA MET B 109 19.30 13.07 12.32
C MET B 109 18.26 14.09 11.91
N ILE B 110 17.65 14.75 12.89
CA ILE B 110 16.69 15.80 12.60
C ILE B 110 17.42 17.05 12.12
N GLU B 111 18.51 17.40 12.79
CA GLU B 111 19.29 18.58 12.41
C GLU B 111 19.94 18.42 11.04
N GLN B 112 20.49 17.24 10.76
CA GLN B 112 21.28 17.04 9.55
C GLN B 112 20.46 16.74 8.31
N HIS B 113 19.24 16.23 8.51
CA HIS B 113 18.41 15.83 7.38
C HIS B 113 17.06 16.53 7.39
N ALA B 114 16.94 17.51 6.49
CA ALA B 114 15.68 18.20 6.30
C ALA B 114 14.71 17.24 5.63
N PRO B 115 13.41 17.57 5.66
CA PRO B 115 12.42 16.70 5.02
C PRO B 115 12.66 16.48 3.52
N THR B 116 13.49 17.31 2.91
CA THR B 116 13.77 17.20 1.47
C THR B 116 15.00 16.32 1.17
N ASP B 117 15.64 15.80 2.21
CA ASP B 117 16.85 14.99 2.03
C ASP B 117 16.56 13.52 1.74
N GLY B 118 15.31 13.10 1.90
CA GLY B 118 14.92 11.74 1.59
C GLY B 118 15.52 10.69 2.50
N VAL B 119 15.65 11.01 3.78
CA VAL B 119 16.19 10.07 4.76
C VAL B 119 15.15 9.76 5.83
N ARG B 120 14.56 10.79 6.42
CA ARG B 120 13.60 10.61 7.51
C ARG B 120 12.20 10.39 6.95
N MET B 121 12.07 9.31 6.19
CA MET B 121 10.85 9.01 5.46
C MET B 121 10.00 7.95 6.14
N MET B 122 8.71 8.27 6.32
CA MET B 122 7.71 7.27 6.63
C MET B 122 7.00 6.96 5.32
N MET B 123 7.01 5.70 4.92
CA MET B 123 6.53 5.31 3.60
C MET B 123 5.34 4.36 3.64
N ALA B 124 4.42 4.57 2.71
CA ALA B 124 3.33 3.63 2.43
C ALA B 124 3.69 2.84 1.18
N LEU B 125 3.93 1.55 1.37
CA LEU B 125 4.36 0.65 0.29
C LEU B 125 3.26 -0.34 -0.04
N THR B 126 2.93 -0.48 -1.31
CA THR B 126 2.02 -1.52 -1.76
C THR B 126 2.74 -2.45 -2.73
N VAL B 127 2.50 -3.74 -2.58
CA VAL B 127 3.15 -4.77 -3.38
C VAL B 127 2.11 -5.76 -3.83
N SER B 128 2.18 -6.16 -5.10
CA SER B 128 1.24 -7.13 -5.63
C SER B 128 1.98 -8.16 -6.49
N GLY B 129 1.42 -9.36 -6.54
CA GLY B 129 2.02 -10.43 -7.31
C GLY B 129 1.23 -11.71 -7.15
N SER B 130 1.89 -12.84 -7.39
CA SER B 130 1.25 -14.13 -7.29
C SER B 130 1.93 -15.00 -6.25
N VAL B 131 1.14 -15.89 -5.66
CA VAL B 131 1.65 -16.95 -4.79
C VAL B 131 1.41 -18.27 -5.48
N TYR B 132 2.47 -19.03 -5.73
CA TYR B 132 2.36 -20.33 -6.37
C TYR B 132 2.54 -21.45 -5.36
N PHE B 133 1.55 -22.33 -5.27
CA PHE B 133 1.62 -23.50 -4.42
C PHE B 133 1.89 -24.75 -5.24
N GLY B 134 2.98 -25.45 -4.92
CA GLY B 134 3.28 -26.73 -5.53
C GLY B 134 3.81 -26.66 -6.96
N ALA B 135 4.33 -25.50 -7.33
CA ALA B 135 4.90 -25.30 -8.67
C ALA B 135 6.38 -25.70 -8.70
N SER B 136 6.86 -26.07 -9.87
CA SER B 136 8.29 -26.23 -10.08
C SER B 136 8.94 -24.87 -9.80
N PRO B 137 10.18 -24.87 -9.30
CA PRO B 137 10.80 -23.64 -8.77
C PRO B 137 10.79 -22.42 -9.72
N ARG B 138 10.75 -22.64 -11.03
CA ARG B 138 10.77 -21.54 -11.99
C ARG B 138 9.57 -21.55 -12.93
N SER B 139 8.55 -22.33 -12.57
CA SER B 139 7.37 -22.45 -13.43
C SER B 139 6.22 -21.58 -12.92
N THR B 140 5.48 -20.99 -13.85
CA THR B 140 4.27 -20.25 -13.53
C THR B 140 3.02 -20.96 -14.06
N ASP B 141 3.16 -22.19 -14.54
CA ASP B 141 2.04 -22.90 -15.16
C ASP B 141 1.72 -24.29 -14.61
N ASP B 142 2.62 -24.89 -13.84
CA ASP B 142 2.38 -26.25 -13.33
C ASP B 142 2.02 -26.29 -11.84
N TYR B 143 1.59 -25.14 -11.32
CA TYR B 143 1.16 -25.05 -9.92
C TYR B 143 -0.08 -25.88 -9.61
N VAL B 144 -0.30 -26.13 -8.32
CA VAL B 144 -1.52 -26.75 -7.83
C VAL B 144 -2.55 -25.66 -7.52
N ILE B 145 -2.11 -24.66 -6.77
CA ILE B 145 -2.91 -23.47 -6.48
C ILE B 145 -2.13 -22.22 -6.84
N LYS B 146 -2.82 -21.24 -7.41
CA LYS B 146 -2.24 -19.93 -7.63
C LYS B 146 -3.15 -18.88 -7.00
N GLN B 147 -2.55 -18.03 -6.17
CA GLN B 147 -3.26 -16.89 -5.58
C GLN B 147 -2.68 -15.59 -6.09
N HIS B 148 -3.51 -14.56 -6.10
CA HIS B 148 -3.04 -13.19 -6.22
C HIS B 148 -2.79 -12.69 -4.80
N PHE B 149 -1.68 -11.99 -4.56
CA PHE B 149 -1.49 -11.37 -3.26
C PHE B 149 -1.29 -9.88 -3.40
N ASN B 150 -1.69 -9.18 -2.35
CA ASN B 150 -1.51 -7.76 -2.22
C ASN B 150 -1.03 -7.49 -0.80
N ASP B 151 0.18 -6.94 -0.68
CA ASP B 151 0.78 -6.56 0.59
C ASP B 151 0.82 -5.05 0.68
N VAL B 152 0.51 -4.50 1.85
CA VAL B 152 0.79 -3.09 2.10
C VAL B 152 1.58 -2.97 3.40
N PHE B 153 2.55 -2.05 3.39
CA PHE B 153 3.43 -1.82 4.52
C PHE B 153 3.51 -0.35 4.82
N ILE B 154 3.62 -0.02 6.11
CA ILE B 154 4.12 1.29 6.50
C ILE B 154 5.55 1.10 7.00
N LEU B 155 6.48 1.76 6.34
CA LEU B 155 7.89 1.66 6.70
C LEU B 155 8.37 2.91 7.41
N VAL B 156 9.20 2.74 8.42
CA VAL B 156 9.79 3.87 9.16
C VAL B 156 11.31 3.71 9.22
N PRO B 157 12.03 4.82 9.45
CA PRO B 157 13.49 4.77 9.48
C PRO B 157 14.05 3.87 10.59
N ASN B 158 15.09 3.11 10.27
CA ASN B 158 15.85 2.39 11.29
C ASN B 158 16.98 3.28 11.77
N TRP B 159 16.78 3.93 12.92
CA TRP B 159 17.74 4.90 13.43
C TRP B 159 19.06 4.24 13.82
N ASP B 160 19.04 2.93 14.05
CA ASP B 160 20.23 2.21 14.48
C ASP B 160 21.13 1.81 13.33
N VAL B 161 20.61 1.93 12.10
CA VAL B 161 21.34 1.51 10.91
C VAL B 161 21.61 2.67 9.96
N LEU B 162 20.62 3.55 9.79
CA LEU B 162 20.76 4.69 8.90
C LEU B 162 21.96 5.56 9.27
N GLU B 163 22.92 5.65 8.35
CA GLU B 163 24.14 6.43 8.55
C GLU B 163 24.91 6.00 9.80
N LYS B 164 24.76 4.73 10.16
CA LYS B 164 25.56 4.13 11.21
C LYS B 164 26.88 3.67 10.59
N PRO B 165 27.99 4.35 10.90
CA PRO B 165 29.24 3.96 10.25
C PRO B 165 29.66 2.53 10.57
N GLY B 166 29.96 1.77 9.53
CA GLY B 166 30.38 0.38 9.69
C GLY B 166 29.23 -0.59 9.56
N ALA B 167 28.00 -0.09 9.59
CA ALA B 167 26.84 -0.91 9.32
C ALA B 167 26.80 -1.27 7.84
N ARG B 168 26.95 -2.55 7.55
CA ARG B 168 26.91 -3.04 6.16
C ARG B 168 25.64 -3.83 5.97
N SER B 169 25.40 -4.76 6.88
CA SER B 169 24.15 -5.50 6.92
C SER B 169 23.09 -4.64 7.61
N GLY B 170 21.85 -5.12 7.59
CA GLY B 170 20.78 -4.46 8.33
C GLY B 170 19.74 -3.80 7.47
N ARG B 171 18.59 -3.57 8.07
CA ARG B 171 17.43 -2.98 7.41
C ARG B 171 17.40 -1.47 7.62
N LYS B 172 17.45 -0.70 6.53
CA LYS B 172 17.45 0.76 6.64
C LYS B 172 16.10 1.32 7.06
N TYR B 173 15.04 0.62 6.65
CA TYR B 173 13.67 0.98 7.04
C TYR B 173 12.92 -0.26 7.53
N LEU B 174 12.14 -0.07 8.58
CA LEU B 174 11.48 -1.18 9.28
C LEU B 174 9.97 -1.12 9.12
N ILE B 175 9.32 -2.27 9.28
CA ILE B 175 7.87 -2.37 9.14
C ILE B 175 7.17 -1.99 10.43
N ALA B 176 6.37 -0.93 10.37
CA ALA B 176 5.55 -0.49 11.50
C ALA B 176 4.13 -1.04 11.38
N SER B 177 3.66 -1.17 10.16
CA SER B 177 2.35 -1.77 9.87
C SER B 177 2.47 -2.66 8.64
N HIS B 178 1.65 -3.70 8.60
CA HIS B 178 1.67 -4.67 7.52
C HIS B 178 0.29 -5.30 7.40
N LYS B 179 -0.28 -5.22 6.19
CA LYS B 179 -1.49 -5.96 5.88
C LYS B 179 -1.24 -6.85 4.67
N TYR B 180 -1.57 -8.12 4.86
CA TYR B 180 -1.41 -9.13 3.81
C TYR B 180 -2.76 -9.63 3.37
N ARG B 181 -2.95 -9.73 2.06
CA ARG B 181 -4.14 -10.33 1.47
C ARG B 181 -3.75 -11.23 0.32
N ALA B 182 -4.32 -12.43 0.32
CA ALA B 182 -4.13 -13.36 -0.79
C ALA B 182 -5.45 -14.06 -1.04
N TYR B 183 -5.78 -14.29 -2.31
CA TYR B 183 -7.04 -14.92 -2.67
C TYR B 183 -6.98 -15.48 -4.07
N GLN C 15 -1.54 14.04 23.31
CA GLN C 15 -1.97 15.30 22.72
C GLN C 15 -1.94 15.20 21.19
N VAL C 16 -2.00 13.97 20.69
CA VAL C 16 -1.95 13.72 19.25
C VAL C 16 -3.16 14.33 18.54
N ASN C 17 -2.94 14.86 17.34
CA ASN C 17 -4.04 15.26 16.48
C ASN C 17 -4.67 14.00 15.89
N ASN C 18 -5.77 13.55 16.48
CA ASN C 18 -6.43 12.32 16.08
C ASN C 18 -7.90 12.55 15.71
N PRO C 19 -8.21 12.60 14.40
CA PRO C 19 -9.60 12.81 13.97
C PRO C 19 -10.40 11.50 13.86
N PHE C 20 -9.75 10.37 14.14
CA PHE C 20 -10.36 9.07 13.88
C PHE C 20 -10.94 8.43 15.14
#